data_5OCP
#
_entry.id   5OCP
#
_cell.length_a   73.917
_cell.length_b   86.327
_cell.length_c   87.282
_cell.angle_alpha   90.000
_cell.angle_beta   90.000
_cell.angle_gamma   90.000
#
_symmetry.space_group_name_H-M   'P 21 21 21'
#
loop_
_entity.id
_entity.type
_entity.pdbx_description
1 polymer 'Periplasmic binding protein/LacI transcriptional regulator'
2 non-polymer GLYCEROL
3 non-polymer alpha-L-arabinofuranose
4 non-polymer beta-L-arabinofuranose
5 non-polymer 'ACETATE ION'
6 water water
#
_entity_poly.entity_id   1
_entity_poly.type   'polypeptide(L)'
_entity_poly.pdbx_seq_one_letter_code
;TTVGFSQVGSESGWRTSFSEAVKAEAKQRGIDLKFADAQQKQENQIKAVRSFIAQGVDAIIIAPVVETGWKPVLKEAKRA
KIPVVIVDRNIKVDDDSLFLTRIASDFSEEGRKIGQWLMDKTQGNCDIAELQGTVGATAAIDRAAGFNQVIANYPNAKIV
RSQTGEFTRAKGKEVMEGFLKAQNGQPLCAVWSHNDEMALGAVQAIKEAGLKPGKDILIVSVDGVPDYFKAMADGDVNAT
VELSPYLGGPAFDAIDAYLKGNKDQAKLISTTGDVFTQETAAAEYEKRRQQAAALEHHHHHH
;
_entity_poly.pdbx_strand_id   A,B
#
# COMPACT_ATOMS: atom_id res chain seq x y z
N THR A 1 -34.42 10.00 14.51
CA THR A 1 -34.76 9.03 13.46
C THR A 1 -34.62 7.60 14.04
N THR A 2 -35.63 6.79 13.72
CA THR A 2 -35.58 5.37 14.00
C THR A 2 -35.38 4.63 12.68
N VAL A 3 -34.34 3.79 12.65
CA VAL A 3 -34.02 3.07 11.42
C VAL A 3 -33.88 1.62 11.73
N GLY A 4 -34.62 0.76 11.01
CA GLY A 4 -34.49 -0.67 11.18
C GLY A 4 -33.37 -1.18 10.26
N PHE A 5 -32.47 -2.02 10.79
CA PHE A 5 -31.46 -2.63 9.93
C PHE A 5 -31.60 -4.13 10.00
N SER A 6 -31.88 -4.78 8.85
CA SER A 6 -31.93 -6.21 8.73
C SER A 6 -30.61 -6.76 8.23
N GLN A 7 -29.81 -7.36 9.12
CA GLN A 7 -28.52 -7.95 8.81
C GLN A 7 -28.63 -9.41 8.49
N VAL A 8 -27.75 -9.87 7.64
CA VAL A 8 -27.72 -11.26 7.18
C VAL A 8 -27.56 -12.28 8.34
N GLY A 9 -26.56 -12.04 9.16
CA GLY A 9 -26.09 -13.01 10.13
C GLY A 9 -24.71 -12.65 10.65
N SER A 10 -23.92 -13.68 10.93
CA SER A 10 -22.59 -13.53 11.55
C SER A 10 -21.62 -14.55 10.98
N GLU A 11 -21.74 -14.85 9.69
CA GLU A 11 -20.97 -15.91 9.07
C GLU A 11 -19.43 -15.68 9.03
N SER A 12 -19.00 -14.42 9.05
CA SER A 12 -17.59 -14.05 8.91
C SER A 12 -17.34 -12.96 9.92
N GLY A 13 -16.09 -12.86 10.31
CA GLY A 13 -15.62 -11.71 11.00
C GLY A 13 -15.83 -10.39 10.29
N TRP A 14 -15.75 -10.37 8.96
CA TRP A 14 -16.16 -9.18 8.25
C TRP A 14 -17.61 -8.75 8.56
N ARG A 15 -18.53 -9.72 8.49
CA ARG A 15 -19.92 -9.42 8.72
C ARG A 15 -20.16 -8.86 10.10
N THR A 16 -19.53 -9.46 11.12
CA THR A 16 -19.75 -8.95 12.49
C THR A 16 -19.11 -7.59 12.64
N SER A 17 -18.00 -7.34 11.97
CA SER A 17 -17.42 -5.99 11.93
C SER A 17 -18.33 -4.94 11.29
N PHE A 18 -19.06 -5.37 10.26
CA PHE A 18 -20.07 -4.54 9.58
C PHE A 18 -21.18 -4.24 10.51
N SER A 19 -21.65 -5.23 11.21
CA SER A 19 -22.73 -4.95 12.21
C SER A 19 -22.26 -3.92 13.27
N GLU A 20 -21.06 -4.11 13.80
CA GLU A 20 -20.51 -3.17 14.77
C GLU A 20 -20.30 -1.77 14.22
N ALA A 21 -19.87 -1.68 12.99
CA ALA A 21 -19.75 -0.39 12.28
C ALA A 21 -21.06 0.35 12.09
N VAL A 22 -22.11 -0.37 11.69
CA VAL A 22 -23.41 0.27 11.54
C VAL A 22 -23.92 0.81 12.89
N LYS A 23 -23.75 0.03 13.95
CA LYS A 23 -24.15 0.41 15.34
C LYS A 23 -23.33 1.66 15.79
N ALA A 24 -22.04 1.62 15.52
CA ALA A 24 -21.18 2.78 15.83
C ALA A 24 -21.57 4.03 15.01
N GLU A 25 -21.87 3.93 13.70
CA GLU A 25 -22.28 5.05 12.89
C GLU A 25 -23.66 5.56 13.36
N ALA A 26 -24.55 4.65 13.68
CA ALA A 26 -25.86 5.12 14.21
C ALA A 26 -25.69 5.97 15.46
N LYS A 27 -24.87 5.51 16.35
CA LYS A 27 -24.64 6.16 17.64
C LYS A 27 -24.04 7.54 17.39
N GLN A 28 -23.11 7.63 16.44
CA GLN A 28 -22.49 8.91 16.14
C GLN A 28 -23.52 9.91 15.70
N ARG A 29 -24.49 9.45 14.91
CA ARG A 29 -25.49 10.29 14.30
C ARG A 29 -26.79 10.47 15.14
N GLY A 30 -26.82 9.90 16.31
CA GLY A 30 -27.95 9.94 17.25
C GLY A 30 -29.14 9.23 16.74
N ILE A 31 -28.92 8.18 15.96
CA ILE A 31 -30.00 7.45 15.34
C ILE A 31 -30.40 6.25 16.21
N ASP A 32 -31.70 6.01 16.31
CA ASP A 32 -32.23 4.87 17.10
C ASP A 32 -32.28 3.65 16.16
N LEU A 33 -31.32 2.76 16.35
CA LEU A 33 -31.10 1.68 15.36
C LEU A 33 -31.80 0.46 15.92
N LYS A 34 -32.74 -0.07 15.18
CA LYS A 34 -33.28 -1.37 15.47
C LYS A 34 -32.55 -2.42 14.64
N PHE A 35 -31.57 -3.07 15.24
CA PHE A 35 -30.71 -3.98 14.51
C PHE A 35 -31.31 -5.39 14.62
N ALA A 36 -31.43 -6.08 13.51
CA ALA A 36 -31.85 -7.48 13.54
C ALA A 36 -30.88 -8.41 12.86
N ASP A 37 -30.61 -9.54 13.49
CA ASP A 37 -29.72 -10.56 12.95
C ASP A 37 -30.62 -11.70 12.49
N ALA A 38 -30.48 -12.08 11.23
CA ALA A 38 -31.33 -13.15 10.64
C ALA A 38 -30.78 -14.54 10.72
N GLN A 39 -29.62 -14.74 11.33
CA GLN A 39 -29.04 -16.05 11.43
C GLN A 39 -28.94 -16.81 10.11
N GLN A 40 -28.54 -16.07 9.10
CA GLN A 40 -28.33 -16.61 7.73
C GLN A 40 -29.62 -16.91 6.93
N LYS A 41 -30.80 -16.65 7.46
CA LYS A 41 -32.06 -17.06 6.78
C LYS A 41 -32.83 -15.88 6.23
N GLN A 42 -33.11 -15.88 4.91
CA GLN A 42 -33.85 -14.81 4.33
C GLN A 42 -35.22 -14.62 4.98
N GLU A 43 -35.84 -15.73 5.34
CA GLU A 43 -37.10 -15.63 5.97
C GLU A 43 -37.10 -14.83 7.23
N ASN A 44 -36.00 -14.93 7.98
CA ASN A 44 -35.88 -14.06 9.18
C ASN A 44 -35.68 -12.59 8.85
N GLN A 45 -35.01 -12.31 7.72
CA GLN A 45 -34.95 -10.93 7.28
C GLN A 45 -36.28 -10.39 6.95
N ILE A 46 -37.08 -11.17 6.22
CA ILE A 46 -38.40 -10.70 5.86
C ILE A 46 -39.30 -10.43 7.08
N LYS A 47 -39.18 -11.31 8.06
CA LYS A 47 -39.86 -11.08 9.31
C LYS A 47 -39.47 -9.83 10.05
N ALA A 48 -38.15 -9.57 10.14
CA ALA A 48 -37.64 -8.34 10.75
C ALA A 48 -38.18 -7.11 10.04
N VAL A 49 -38.12 -7.12 8.71
CA VAL A 49 -38.61 -6.01 7.93
C VAL A 49 -40.11 -5.75 8.16
N ARG A 50 -40.88 -6.83 8.24
CA ARG A 50 -42.30 -6.73 8.52
C ARG A 50 -42.48 -6.05 9.87
N SER A 51 -41.71 -6.48 10.87
CA SER A 51 -41.79 -5.87 12.20
C SER A 51 -41.43 -4.43 12.20
N PHE A 52 -40.38 -4.09 11.44
CA PHE A 52 -40.06 -2.68 11.31
C PHE A 52 -41.21 -1.85 10.73
N ILE A 53 -41.89 -2.38 9.74
CA ILE A 53 -43.03 -1.69 9.13
C ILE A 53 -44.20 -1.58 10.17
N ALA A 54 -44.47 -2.67 10.85
CA ALA A 54 -45.48 -2.63 11.97
C ALA A 54 -45.18 -1.63 13.03
N GLN A 55 -43.90 -1.46 13.36
CA GLN A 55 -43.46 -0.48 14.36
C GLN A 55 -43.39 0.95 13.88
N GLY A 56 -43.60 1.21 12.59
CA GLY A 56 -43.59 2.55 12.06
C GLY A 56 -42.23 3.24 12.09
N VAL A 57 -41.18 2.48 11.82
CA VAL A 57 -39.85 3.10 11.76
C VAL A 57 -39.82 4.17 10.67
N ASP A 58 -38.84 5.05 10.74
CA ASP A 58 -38.66 6.08 9.71
C ASP A 58 -38.02 5.61 8.41
N ALA A 59 -37.12 4.63 8.51
CA ALA A 59 -36.46 4.05 7.36
C ALA A 59 -36.00 2.64 7.70
N ILE A 60 -35.72 1.90 6.63
CA ILE A 60 -35.29 0.52 6.74
C ILE A 60 -34.00 0.38 5.90
N ILE A 61 -33.01 -0.27 6.48
CA ILE A 61 -31.79 -0.68 5.70
C ILE A 61 -31.82 -2.22 5.68
N ILE A 62 -31.58 -2.77 4.50
CA ILE A 62 -31.53 -4.24 4.30
C ILE A 62 -30.16 -4.66 3.65
N ALA A 63 -29.41 -5.59 4.28
CA ALA A 63 -28.26 -6.20 3.71
C ALA A 63 -28.78 -7.57 3.24
N PRO A 64 -29.14 -7.71 1.96
CA PRO A 64 -29.91 -8.93 1.62
C PRO A 64 -29.06 -10.19 1.45
N VAL A 65 -29.45 -11.29 2.07
CA VAL A 65 -28.62 -12.52 2.01
C VAL A 65 -28.47 -13.10 0.59
N VAL A 66 -29.60 -13.06 -0.13
CA VAL A 66 -29.68 -13.50 -1.52
C VAL A 66 -30.48 -12.45 -2.26
N GLU A 67 -30.47 -12.58 -3.58
CA GLU A 67 -30.98 -11.52 -4.45
C GLU A 67 -32.49 -11.69 -4.74
N THR A 68 -33.03 -12.88 -4.67
CA THR A 68 -34.40 -13.13 -5.05
C THR A 68 -35.34 -12.99 -3.86
N GLY A 69 -36.64 -12.78 -4.13
CA GLY A 69 -37.70 -13.01 -3.15
C GLY A 69 -38.07 -11.81 -2.31
N TRP A 70 -37.58 -10.65 -2.70
CA TRP A 70 -37.80 -9.43 -1.93
C TRP A 70 -39.03 -8.60 -2.32
N LYS A 71 -39.57 -8.81 -3.50
CA LYS A 71 -40.59 -7.88 -3.98
C LYS A 71 -41.82 -7.66 -3.10
N PRO A 72 -42.36 -8.74 -2.57
CA PRO A 72 -43.55 -8.56 -1.69
C PRO A 72 -43.29 -7.66 -0.51
N VAL A 73 -42.18 -7.93 0.24
CA VAL A 73 -41.90 -7.08 1.41
C VAL A 73 -41.55 -5.66 1.02
N LEU A 74 -40.85 -5.43 -0.10
CA LEU A 74 -40.55 -4.11 -0.53
C LEU A 74 -41.81 -3.35 -0.90
N LYS A 75 -42.75 -4.04 -1.49
CA LYS A 75 -44.06 -3.38 -1.82
C LYS A 75 -44.83 -2.96 -0.57
N GLU A 76 -44.74 -3.79 0.45
CA GLU A 76 -45.28 -3.45 1.76
C GLU A 76 -44.66 -2.21 2.35
N ALA A 77 -43.31 -2.12 2.35
CA ALA A 77 -42.68 -0.92 2.76
C ALA A 77 -43.11 0.33 1.97
N LYS A 78 -43.28 0.17 0.68
CA LYS A 78 -43.62 1.26 -0.16
C LYS A 78 -45.02 1.79 0.20
N ARG A 79 -45.93 0.88 0.37
CA ARG A 79 -47.33 1.21 0.79
C ARG A 79 -47.36 1.88 2.13
N ALA A 80 -46.44 1.48 3.03
CA ALA A 80 -46.23 2.12 4.30
C ALA A 80 -45.51 3.44 4.28
N LYS A 81 -45.02 3.86 3.09
CA LYS A 81 -44.24 5.07 2.87
C LYS A 81 -42.96 5.11 3.72
N ILE A 82 -42.30 3.95 3.84
CA ILE A 82 -41.02 3.87 4.59
C ILE A 82 -39.91 3.64 3.57
N PRO A 83 -38.95 4.58 3.47
CA PRO A 83 -37.88 4.37 2.46
C PRO A 83 -36.99 3.17 2.85
N VAL A 84 -36.48 2.50 1.82
CA VAL A 84 -35.65 1.35 2.02
C VAL A 84 -34.25 1.63 1.36
N VAL A 85 -33.17 1.41 2.09
CA VAL A 85 -31.85 1.47 1.49
C VAL A 85 -31.28 0.05 1.50
N ILE A 86 -30.74 -0.36 0.35
CA ILE A 86 -30.08 -1.63 0.28
C ILE A 86 -28.62 -1.39 0.51
N VAL A 87 -27.94 -2.27 1.27
CA VAL A 87 -26.52 -2.16 1.52
C VAL A 87 -25.84 -3.54 1.30
N ASP A 88 -24.60 -3.46 0.87
CA ASP A 88 -23.69 -4.62 0.82
C ASP A 88 -24.05 -5.43 -0.39
N ARG A 89 -24.92 -6.42 -0.27
CA ARG A 89 -25.33 -7.23 -1.42
C ARG A 89 -26.45 -6.54 -2.19
N ASN A 90 -26.96 -7.25 -3.17
CA ASN A 90 -27.97 -6.64 -4.06
C ASN A 90 -29.25 -7.45 -4.02
N ILE A 91 -30.31 -6.83 -4.53
CA ILE A 91 -31.59 -7.49 -4.74
C ILE A 91 -31.88 -7.46 -6.25
N LYS A 92 -32.59 -8.44 -6.73
CA LYS A 92 -33.10 -8.40 -8.12
C LYS A 92 -34.56 -8.02 -8.08
N VAL A 93 -34.89 -6.82 -8.48
CA VAL A 93 -36.27 -6.41 -8.59
C VAL A 93 -36.47 -5.73 -9.93
N ASP A 94 -37.72 -5.71 -10.39
CA ASP A 94 -38.05 -5.12 -11.69
C ASP A 94 -38.46 -3.65 -11.63
N ASP A 95 -38.53 -3.08 -10.44
CA ASP A 95 -38.91 -1.72 -10.30
C ASP A 95 -38.06 -1.06 -9.28
N ASP A 96 -37.21 -0.14 -9.73
CA ASP A 96 -36.30 0.53 -8.85
C ASP A 96 -36.89 1.59 -7.90
N SER A 97 -38.20 1.87 -8.02
CA SER A 97 -38.87 2.72 -7.11
C SER A 97 -39.13 1.94 -5.82
N LEU A 98 -38.86 0.65 -5.80
CA LEU A 98 -39.03 -0.13 -4.53
C LEU A 98 -37.91 0.07 -3.47
N PHE A 99 -36.88 0.88 -3.79
CA PHE A 99 -35.87 1.26 -2.87
C PHE A 99 -35.39 2.70 -3.16
N LEU A 100 -34.85 3.33 -2.17
CA LEU A 100 -34.34 4.64 -2.25
C LEU A 100 -32.99 4.60 -2.97
N THR A 101 -32.09 3.74 -2.50
CA THR A 101 -30.76 3.62 -3.11
C THR A 101 -29.98 2.45 -2.55
N ARG A 102 -28.85 2.13 -3.17
CA ARG A 102 -28.01 1.04 -2.74
C ARG A 102 -26.57 1.50 -2.49
N ILE A 103 -26.05 1.19 -1.31
CA ILE A 103 -24.70 1.57 -0.95
C ILE A 103 -23.87 0.30 -1.00
N ALA A 104 -22.87 0.21 -1.90
CA ALA A 104 -22.18 -1.04 -2.06
C ALA A 104 -20.79 -0.80 -2.65
N SER A 105 -19.91 -1.76 -2.47
CA SER A 105 -18.71 -1.84 -3.31
C SER A 105 -19.05 -2.53 -4.60
N ASP A 106 -18.12 -2.43 -5.56
CA ASP A 106 -18.24 -3.12 -6.83
C ASP A 106 -17.51 -4.49 -6.70
N PHE A 107 -18.30 -5.51 -6.41
CA PHE A 107 -17.77 -6.86 -6.21
C PHE A 107 -17.04 -7.39 -7.44
N SER A 108 -17.54 -7.07 -8.66
CA SER A 108 -16.82 -7.50 -9.91
C SER A 108 -15.47 -6.84 -10.01
N GLU A 109 -15.36 -5.59 -9.54
CA GLU A 109 -14.10 -4.88 -9.53
C GLU A 109 -13.14 -5.51 -8.51
N GLU A 110 -13.68 -5.93 -7.37
CA GLU A 110 -12.87 -6.60 -6.33
C GLU A 110 -12.26 -7.87 -6.94
N GLY A 111 -13.07 -8.67 -7.60
CA GLY A 111 -12.60 -9.91 -8.27
C GLY A 111 -11.63 -9.66 -9.40
N ARG A 112 -11.86 -8.59 -10.17
CA ARG A 112 -10.90 -8.19 -11.20
C ARG A 112 -9.55 -7.77 -10.61
N LYS A 113 -9.52 -6.90 -9.58
CA LYS A 113 -8.25 -6.41 -9.02
C LYS A 113 -7.43 -7.53 -8.42
N ILE A 114 -8.10 -8.48 -7.74
CA ILE A 114 -7.36 -9.59 -7.10
C ILE A 114 -6.88 -10.56 -8.18
N GLY A 115 -7.72 -10.80 -9.19
CA GLY A 115 -7.29 -11.62 -10.34
C GLY A 115 -6.11 -11.05 -11.07
N GLN A 116 -6.12 -9.74 -11.31
CA GLN A 116 -5.01 -9.12 -11.98
C GLN A 116 -3.75 -9.19 -11.18
N TRP A 117 -3.86 -8.97 -9.87
CA TRP A 117 -2.72 -9.04 -9.00
C TRP A 117 -2.07 -10.44 -9.09
N LEU A 118 -2.93 -11.47 -9.00
CA LEU A 118 -2.46 -12.84 -9.09
C LEU A 118 -1.79 -13.14 -10.45
N MET A 119 -2.36 -12.64 -11.53
CA MET A 119 -1.72 -12.85 -12.84
C MET A 119 -0.37 -12.18 -12.90
N ASP A 120 -0.24 -11.00 -12.31
CA ASP A 120 1.02 -10.27 -12.31
C ASP A 120 2.05 -11.03 -11.49
N LYS A 121 1.64 -11.59 -10.36
CA LYS A 121 2.47 -12.27 -9.39
C LYS A 121 3.04 -13.54 -10.01
N THR A 122 2.22 -14.23 -10.80
CA THR A 122 2.54 -15.55 -11.32
C THR A 122 2.92 -15.49 -12.79
N GLN A 123 3.07 -14.28 -13.36
CA GLN A 123 3.27 -14.09 -14.74
C GLN A 123 2.27 -14.87 -15.61
N GLY A 124 0.99 -15.00 -15.18
CA GLY A 124 -0.02 -15.60 -15.98
C GLY A 124 -0.01 -17.13 -16.02
N ASN A 125 0.78 -17.74 -15.18
CA ASN A 125 0.97 -19.21 -15.15
C ASN A 125 0.56 -19.73 -13.81
N CYS A 126 -0.68 -20.26 -13.72
CA CYS A 126 -1.24 -20.52 -12.38
C CYS A 126 -2.46 -21.44 -12.43
N ASP A 127 -2.35 -22.61 -11.83
CA ASP A 127 -3.54 -23.41 -11.56
C ASP A 127 -4.14 -23.02 -10.25
N ILE A 128 -5.42 -22.74 -10.28
CA ILE A 128 -6.07 -22.08 -9.14
C ILE A 128 -7.19 -22.95 -8.58
N ALA A 129 -7.30 -22.95 -7.27
CA ALA A 129 -8.48 -23.52 -6.59
C ALA A 129 -9.34 -22.39 -6.06
N GLU A 130 -10.61 -22.44 -6.39
CA GLU A 130 -11.57 -21.41 -5.96
C GLU A 130 -12.44 -21.87 -4.82
N LEU A 131 -12.45 -21.10 -3.72
CA LEU A 131 -13.39 -21.29 -2.62
C LEU A 131 -14.48 -20.26 -2.79
N GLN A 132 -15.66 -20.70 -3.21
CA GLN A 132 -16.76 -19.79 -3.46
C GLN A 132 -17.53 -19.42 -2.19
N GLY A 133 -18.15 -18.23 -2.25
CA GLY A 133 -19.05 -17.81 -1.22
C GLY A 133 -20.40 -18.54 -1.33
N THR A 134 -21.35 -18.05 -0.59
CA THR A 134 -22.72 -18.68 -0.54
C THR A 134 -23.44 -18.53 -1.83
N VAL A 135 -24.14 -19.59 -2.16
CA VAL A 135 -25.01 -19.60 -3.34
C VAL A 135 -26.06 -18.50 -3.27
N GLY A 136 -26.18 -17.80 -4.39
CA GLY A 136 -27.08 -16.69 -4.54
C GLY A 136 -26.66 -15.37 -3.99
N ALA A 137 -25.46 -15.30 -3.36
CA ALA A 137 -24.99 -14.02 -2.77
C ALA A 137 -24.37 -13.19 -3.85
N THR A 138 -24.77 -11.93 -3.92
CA THR A 138 -24.19 -11.04 -4.93
C THR A 138 -22.67 -11.04 -4.86
N ALA A 139 -22.14 -11.04 -3.64
CA ALA A 139 -20.69 -10.97 -3.45
C ALA A 139 -19.96 -12.15 -4.11
N ALA A 140 -20.53 -13.35 -4.03
CA ALA A 140 -19.93 -14.54 -4.66
C ALA A 140 -20.08 -14.52 -6.19
N ILE A 141 -21.28 -14.28 -6.64
CA ILE A 141 -21.54 -14.26 -8.08
C ILE A 141 -20.63 -13.25 -8.80
N ASP A 142 -20.65 -12.01 -8.29
CA ASP A 142 -19.94 -10.94 -8.94
C ASP A 142 -18.42 -10.99 -8.77
N ARG A 143 -17.93 -11.50 -7.65
CA ARG A 143 -16.48 -11.61 -7.49
C ARG A 143 -15.99 -12.68 -8.48
N ALA A 144 -16.74 -13.75 -8.59
CA ALA A 144 -16.35 -14.82 -9.54
C ALA A 144 -16.35 -14.23 -10.96
N ALA A 145 -17.40 -13.50 -11.31
CA ALA A 145 -17.47 -12.95 -12.64
C ALA A 145 -16.29 -12.06 -13.00
N GLY A 146 -15.90 -11.16 -12.10
CA GLY A 146 -14.77 -10.33 -12.31
C GLY A 146 -13.42 -11.06 -12.40
N PHE A 147 -13.16 -11.98 -11.50
CA PHE A 147 -11.91 -12.76 -11.51
C PHE A 147 -11.82 -13.55 -12.84
N ASN A 148 -12.95 -14.14 -13.19
CA ASN A 148 -13.03 -14.99 -14.40
C ASN A 148 -12.73 -14.15 -15.64
N GLN A 149 -13.22 -12.91 -15.67
CA GLN A 149 -13.05 -12.06 -16.81
C GLN A 149 -11.55 -11.74 -16.98
N VAL A 150 -10.79 -11.61 -15.87
CA VAL A 150 -9.35 -11.27 -15.98
C VAL A 150 -8.58 -12.48 -16.39
N ILE A 151 -8.87 -13.63 -15.80
CA ILE A 151 -8.06 -14.79 -16.07
C ILE A 151 -8.36 -15.39 -17.46
N ALA A 152 -9.50 -15.04 -18.05
CA ALA A 152 -9.81 -15.45 -19.47
C ALA A 152 -8.78 -14.94 -20.47
N ASN A 153 -8.08 -13.84 -20.15
CA ASN A 153 -7.00 -13.24 -20.99
C ASN A 153 -5.67 -13.97 -20.92
N TYR A 154 -5.53 -14.95 -20.02
CA TYR A 154 -4.28 -15.58 -19.73
C TYR A 154 -4.40 -17.06 -20.01
N PRO A 155 -3.89 -17.54 -21.16
CA PRO A 155 -4.09 -18.97 -21.50
C PRO A 155 -3.54 -20.01 -20.50
N ASN A 156 -2.54 -19.66 -19.72
CA ASN A 156 -1.88 -20.58 -18.78
C ASN A 156 -2.38 -20.45 -17.29
N ALA A 157 -3.47 -19.73 -17.14
CA ALA A 157 -4.16 -19.64 -15.90
C ALA A 157 -5.50 -20.35 -16.02
N LYS A 158 -5.84 -21.12 -15.05
CA LYS A 158 -7.10 -21.82 -15.06
C LYS A 158 -7.53 -22.18 -13.64
N ILE A 159 -8.83 -22.14 -13.43
CA ILE A 159 -9.41 -22.63 -12.24
C ILE A 159 -9.66 -24.12 -12.38
N VAL A 160 -8.95 -24.88 -11.57
CA VAL A 160 -8.97 -26.34 -11.66
C VAL A 160 -9.88 -26.97 -10.69
N ARG A 161 -10.30 -26.27 -9.64
CA ARG A 161 -11.18 -26.86 -8.58
C ARG A 161 -12.05 -25.67 -8.18
N SER A 162 -13.35 -25.90 -7.93
CA SER A 162 -14.23 -24.80 -7.51
C SER A 162 -15.39 -25.37 -6.71
N GLN A 163 -15.61 -24.87 -5.48
CA GLN A 163 -16.67 -25.37 -4.62
C GLN A 163 -17.00 -24.31 -3.60
N THR A 164 -18.24 -24.31 -3.13
CA THR A 164 -18.57 -23.33 -2.07
C THR A 164 -18.00 -23.71 -0.72
N GLY A 165 -17.43 -22.70 -0.02
CA GLY A 165 -17.06 -22.77 1.37
C GLY A 165 -17.96 -22.01 2.29
N GLU A 166 -19.07 -21.54 1.74
CA GLU A 166 -20.15 -20.91 2.52
C GLU A 166 -19.74 -19.62 3.30
N PHE A 167 -18.63 -18.99 2.89
CA PHE A 167 -18.09 -17.81 3.52
C PHE A 167 -17.60 -18.09 4.88
N THR A 168 -17.49 -19.38 5.31
CA THR A 168 -17.04 -19.64 6.63
C THR A 168 -15.65 -20.32 6.73
N ARG A 169 -15.04 -20.15 7.90
CA ARG A 169 -13.71 -20.68 8.13
C ARG A 169 -13.68 -22.20 8.17
N ALA A 170 -14.63 -22.77 8.90
CA ALA A 170 -14.71 -24.24 9.02
C ALA A 170 -15.02 -24.93 7.74
N LYS A 171 -15.90 -24.37 6.92
CA LYS A 171 -16.25 -24.95 5.67
C LYS A 171 -15.15 -24.68 4.64
N GLY A 172 -14.53 -23.50 4.67
CA GLY A 172 -13.34 -23.29 3.82
C GLY A 172 -12.23 -24.33 4.01
N LYS A 173 -11.99 -24.65 5.26
CA LYS A 173 -10.97 -25.61 5.62
C LYS A 173 -11.33 -26.96 5.06
N GLU A 174 -12.57 -27.37 5.28
CA GLU A 174 -13.04 -28.70 4.84
C GLU A 174 -12.93 -28.85 3.35
N VAL A 175 -13.39 -27.80 2.65
CA VAL A 175 -13.33 -27.82 1.21
C VAL A 175 -11.88 -27.90 0.68
N MET A 176 -10.99 -27.10 1.28
CA MET A 176 -9.60 -27.04 0.89
C MET A 176 -8.92 -28.43 1.12
N GLU A 177 -9.19 -29.03 2.27
CA GLU A 177 -8.76 -30.45 2.52
C GLU A 177 -9.15 -31.31 1.39
N GLY A 178 -10.42 -31.17 0.96
CA GLY A 178 -10.95 -31.96 -0.16
C GLY A 178 -10.17 -31.72 -1.42
N PHE A 179 -9.94 -30.46 -1.79
CA PHE A 179 -9.17 -30.12 -2.97
C PHE A 179 -7.78 -30.77 -3.05
N LEU A 180 -7.13 -30.77 -1.91
CA LEU A 180 -5.72 -31.20 -1.76
C LEU A 180 -5.71 -32.73 -1.99
N LYS A 181 -6.78 -33.38 -1.54
CA LYS A 181 -6.94 -34.81 -1.73
C LYS A 181 -7.25 -35.11 -3.21
N ALA A 182 -8.13 -34.31 -3.83
CA ALA A 182 -8.45 -34.52 -5.21
C ALA A 182 -7.32 -34.19 -6.16
N GLN A 183 -6.41 -33.32 -5.76
CA GLN A 183 -5.27 -32.97 -6.65
C GLN A 183 -4.37 -34.15 -6.92
N ASN A 184 -4.35 -35.04 -5.93
CA ASN A 184 -3.63 -36.33 -6.11
C ASN A 184 -2.13 -35.99 -6.31
N GLY A 185 -1.61 -35.00 -5.55
CA GLY A 185 -0.23 -34.54 -5.57
C GLY A 185 0.16 -33.44 -6.56
N GLN A 186 -0.70 -33.11 -7.52
CA GLN A 186 -0.42 -32.14 -8.55
C GLN A 186 -0.40 -30.75 -7.86
N PRO A 187 0.71 -30.00 -8.00
CA PRO A 187 0.78 -28.71 -7.29
C PRO A 187 -0.32 -27.77 -7.72
N LEU A 188 -0.89 -27.08 -6.73
CA LEU A 188 -1.69 -25.87 -6.94
C LEU A 188 -0.84 -24.64 -6.83
N CYS A 189 -1.10 -23.69 -7.69
CA CYS A 189 -0.36 -22.38 -7.66
C CYS A 189 -0.98 -21.50 -6.58
N ALA A 190 -2.29 -21.47 -6.54
CA ALA A 190 -2.98 -20.50 -5.71
C ALA A 190 -4.36 -20.93 -5.29
N VAL A 191 -4.82 -20.38 -4.16
CA VAL A 191 -6.20 -20.42 -3.73
C VAL A 191 -6.79 -18.99 -3.88
N TRP A 192 -7.90 -18.92 -4.60
CA TRP A 192 -8.74 -17.72 -4.74
C TRP A 192 -9.94 -17.98 -3.87
N SER A 193 -10.01 -17.22 -2.77
CA SER A 193 -11.07 -17.33 -1.85
C SER A 193 -12.00 -16.12 -1.89
N HIS A 194 -13.32 -16.34 -1.98
CA HIS A 194 -14.19 -15.19 -2.06
C HIS A 194 -14.21 -14.36 -0.78
N ASN A 195 -13.75 -14.86 0.37
CA ASN A 195 -13.57 -14.04 1.52
C ASN A 195 -12.42 -14.48 2.39
N ASP A 196 -11.97 -13.55 3.21
CA ASP A 196 -10.80 -13.85 4.06
C ASP A 196 -11.09 -14.97 5.04
N GLU A 197 -12.31 -15.10 5.52
CA GLU A 197 -12.70 -16.14 6.47
C GLU A 197 -12.38 -17.54 5.93
N MET A 198 -12.81 -17.86 4.70
CA MET A 198 -12.59 -19.15 4.11
C MET A 198 -11.08 -19.30 3.88
N ALA A 199 -10.41 -18.20 3.52
CA ALA A 199 -8.98 -18.23 3.19
C ALA A 199 -8.18 -18.66 4.43
N LEU A 200 -8.58 -18.17 5.58
CA LEU A 200 -7.88 -18.52 6.78
C LEU A 200 -8.09 -19.94 7.15
N GLY A 201 -9.25 -20.48 6.89
CA GLY A 201 -9.44 -21.95 7.01
C GLY A 201 -8.57 -22.71 6.06
N ALA A 202 -8.47 -22.27 4.80
CA ALA A 202 -7.63 -22.91 3.83
C ALA A 202 -6.15 -22.97 4.29
N VAL A 203 -5.67 -21.94 4.98
CA VAL A 203 -4.33 -21.85 5.46
C VAL A 203 -4.09 -23.07 6.36
N GLN A 204 -5.02 -23.36 7.24
CA GLN A 204 -4.83 -24.49 8.18
C GLN A 204 -4.87 -25.85 7.46
N ALA A 205 -5.71 -26.02 6.47
CA ALA A 205 -5.70 -27.26 5.67
C ALA A 205 -4.35 -27.45 4.94
N ILE A 206 -3.82 -26.35 4.39
CA ILE A 206 -2.58 -26.40 3.64
C ILE A 206 -1.46 -26.82 4.58
N LYS A 207 -1.38 -26.19 5.74
CA LYS A 207 -0.40 -26.53 6.77
C LYS A 207 -0.53 -27.98 7.14
N GLU A 208 -1.74 -28.45 7.33
CA GLU A 208 -1.93 -29.85 7.77
C GLU A 208 -1.46 -30.79 6.69
N ALA A 209 -1.50 -30.38 5.43
CA ALA A 209 -1.02 -31.20 4.34
C ALA A 209 0.50 -31.10 4.16
N GLY A 210 1.20 -30.37 5.03
CA GLY A 210 2.66 -30.23 4.98
C GLY A 210 3.21 -29.28 3.91
N LEU A 211 2.37 -28.33 3.50
CA LEU A 211 2.74 -27.40 2.49
C LEU A 211 2.74 -26.00 3.10
N LYS A 212 3.42 -25.03 2.46
CA LYS A 212 3.62 -23.69 3.03
C LYS A 212 2.67 -22.67 2.38
N PRO A 213 1.58 -22.36 3.09
CA PRO A 213 0.66 -21.39 2.49
C PRO A 213 1.36 -20.02 2.45
N GLY A 214 1.07 -19.26 1.40
CA GLY A 214 1.70 -17.97 1.20
C GLY A 214 3.00 -18.04 0.42
N LYS A 215 3.57 -19.24 0.27
CA LYS A 215 4.81 -19.42 -0.47
C LYS A 215 4.61 -20.49 -1.50
N ASP A 216 4.39 -21.72 -1.10
CA ASP A 216 4.14 -22.86 -2.05
C ASP A 216 2.75 -22.71 -2.76
N ILE A 217 1.71 -22.38 -1.99
CA ILE A 217 0.40 -22.11 -2.53
C ILE A 217 0.08 -20.62 -2.10
N LEU A 218 -0.11 -19.79 -3.09
CA LEU A 218 -0.48 -18.38 -2.89
C LEU A 218 -1.90 -18.32 -2.43
N ILE A 219 -2.25 -17.33 -1.60
CA ILE A 219 -3.61 -17.22 -1.11
C ILE A 219 -4.03 -15.75 -1.35
N VAL A 220 -5.08 -15.61 -2.16
CA VAL A 220 -5.66 -14.29 -2.48
C VAL A 220 -7.15 -14.28 -2.15
N SER A 221 -7.68 -13.13 -1.76
CA SER A 221 -8.97 -13.11 -1.11
C SER A 221 -9.57 -11.70 -1.15
N VAL A 222 -10.72 -11.58 -0.51
CA VAL A 222 -11.41 -10.27 -0.27
C VAL A 222 -11.88 -10.15 1.16
N ASP A 223 -11.67 -8.95 1.71
CA ASP A 223 -12.34 -8.36 2.90
C ASP A 223 -11.38 -7.38 3.61
N GLY A 224 -10.11 -7.80 3.77
CA GLY A 224 -9.18 -7.00 4.49
C GLY A 224 -9.42 -6.99 5.99
N VAL A 225 -9.76 -8.14 6.57
CA VAL A 225 -10.00 -8.16 8.01
C VAL A 225 -8.67 -8.18 8.74
N PRO A 226 -8.66 -7.73 10.01
CA PRO A 226 -7.37 -7.64 10.71
C PRO A 226 -6.63 -8.94 10.85
N ASP A 227 -7.32 -10.02 11.10
CA ASP A 227 -6.71 -11.35 11.19
C ASP A 227 -6.03 -11.73 9.87
N TYR A 228 -6.58 -11.26 8.75
CA TYR A 228 -5.89 -11.53 7.46
C TYR A 228 -4.62 -10.70 7.25
N PHE A 229 -4.65 -9.43 7.68
CA PHE A 229 -3.50 -8.57 7.65
C PHE A 229 -2.41 -9.17 8.57
N LYS A 230 -2.85 -9.72 9.68
CA LYS A 230 -1.91 -10.44 10.58
C LYS A 230 -1.24 -11.66 9.88
N ALA A 231 -2.06 -12.48 9.25
CA ALA A 231 -1.60 -13.56 8.40
C ALA A 231 -0.66 -13.15 7.27
N MET A 232 -0.92 -12.01 6.62
CA MET A 232 -0.05 -11.47 5.60
C MET A 232 1.31 -11.03 6.25
N ALA A 233 1.24 -10.41 7.42
CA ALA A 233 2.42 -9.92 8.18
C ALA A 233 3.27 -11.13 8.56
N ASP A 234 2.62 -12.25 8.82
CA ASP A 234 3.29 -13.52 9.14
C ASP A 234 3.75 -14.35 7.98
N GLY A 235 3.36 -14.01 6.77
CA GLY A 235 3.78 -14.77 5.58
C GLY A 235 2.85 -15.93 5.12
N ASP A 236 1.70 -16.11 5.75
CA ASP A 236 0.81 -17.27 5.48
C ASP A 236 -0.22 -17.06 4.37
N VAL A 237 -0.47 -15.79 4.03
CA VAL A 237 -1.36 -15.44 2.87
C VAL A 237 -0.77 -14.25 2.12
N ASN A 238 -1.27 -13.97 0.93
CA ASN A 238 -0.56 -13.04 0.06
C ASN A 238 -1.22 -11.71 -0.18
N ALA A 239 -2.52 -11.72 -0.46
CA ALA A 239 -3.21 -10.46 -0.96
C ALA A 239 -4.68 -10.49 -0.65
N THR A 240 -5.25 -9.33 -0.35
CA THR A 240 -6.69 -9.20 -0.20
C THR A 240 -7.12 -7.83 -0.66
N VAL A 241 -8.39 -7.70 -1.03
CA VAL A 241 -8.97 -6.40 -1.33
C VAL A 241 -9.75 -5.97 -0.14
N GLU A 242 -9.54 -4.74 0.30
CA GLU A 242 -10.25 -4.23 1.44
C GLU A 242 -11.69 -3.97 1.16
N LEU A 243 -12.56 -4.38 2.05
CA LEU A 243 -14.02 -4.16 1.96
C LEU A 243 -14.39 -3.34 3.20
N SER A 244 -14.71 -2.09 2.93
CA SER A 244 -15.08 -1.17 4.04
C SER A 244 -16.38 -1.60 4.75
N PRO A 245 -16.33 -1.68 6.05
CA PRO A 245 -17.58 -2.00 6.79
C PRO A 245 -18.43 -0.74 7.07
N TYR A 246 -18.05 0.43 6.52
CA TYR A 246 -18.76 1.71 6.76
C TYR A 246 -19.77 2.14 5.74
N LEU A 247 -20.68 1.24 5.36
CA LEU A 247 -21.69 1.50 4.40
C LEU A 247 -22.90 2.18 5.05
N GLY A 248 -22.98 2.12 6.38
CA GLY A 248 -24.06 2.72 7.11
C GLY A 248 -24.08 4.22 6.89
N GLY A 249 -22.89 4.85 6.94
CA GLY A 249 -22.81 6.29 6.80
C GLY A 249 -23.50 6.84 5.61
N PRO A 250 -23.11 6.42 4.39
CA PRO A 250 -23.85 6.86 3.24
C PRO A 250 -25.31 6.45 3.21
N ALA A 251 -25.63 5.29 3.80
CA ALA A 251 -27.04 4.92 3.95
C ALA A 251 -27.86 5.96 4.82
N PHE A 252 -27.28 6.33 5.92
CA PHE A 252 -27.92 7.33 6.84
C PHE A 252 -27.99 8.74 6.17
N ASP A 253 -27.00 9.09 5.34
CA ASP A 253 -27.03 10.35 4.58
C ASP A 253 -28.14 10.39 3.57
N ALA A 254 -28.30 9.30 2.83
CA ALA A 254 -29.38 9.17 1.91
C ALA A 254 -30.73 9.23 2.60
N ILE A 255 -30.82 8.56 3.75
CA ILE A 255 -32.11 8.62 4.51
C ILE A 255 -32.37 10.06 5.01
N ASP A 256 -31.37 10.66 5.63
CA ASP A 256 -31.47 12.07 6.11
C ASP A 256 -31.94 13.05 5.02
N ALA A 257 -31.33 12.97 3.86
CA ALA A 257 -31.76 13.74 2.70
C ALA A 257 -33.17 13.48 2.25
N TYR A 258 -33.57 12.21 2.22
CA TYR A 258 -34.90 11.88 1.77
C TYR A 258 -35.95 12.51 2.74
N LEU A 259 -35.67 12.43 4.02
CA LEU A 259 -36.61 12.86 5.07
C LEU A 259 -36.73 14.38 5.05
N LYS A 260 -35.60 15.05 4.86
CA LYS A 260 -35.57 16.49 4.62
C LYS A 260 -36.20 16.97 3.33
N GLY A 261 -36.60 16.08 2.42
CA GLY A 261 -37.36 16.48 1.21
C GLY A 261 -36.56 16.54 -0.10
N ASN A 262 -35.29 16.12 -0.06
CA ASN A 262 -34.44 16.00 -1.27
C ASN A 262 -35.09 15.00 -2.22
N LYS A 263 -35.28 15.44 -3.47
CA LYS A 263 -35.83 14.57 -4.51
C LYS A 263 -34.78 13.78 -5.35
N ASP A 264 -33.66 14.42 -5.69
CA ASP A 264 -32.63 13.83 -6.60
C ASP A 264 -31.64 12.86 -5.89
N GLN A 265 -31.81 11.57 -6.13
CA GLN A 265 -31.03 10.51 -5.47
C GLN A 265 -30.69 9.37 -6.42
N ALA A 266 -29.41 9.18 -6.65
CA ALA A 266 -28.96 8.06 -7.45
C ALA A 266 -29.29 6.76 -6.78
N LYS A 267 -29.48 5.73 -7.59
CA LYS A 267 -29.92 4.41 -7.17
C LYS A 267 -28.77 3.53 -6.72
N LEU A 268 -27.56 3.89 -7.08
CA LEU A 268 -26.33 3.19 -6.57
C LEU A 268 -25.25 4.14 -6.29
N ILE A 269 -24.64 4.08 -5.08
CA ILE A 269 -23.56 4.91 -4.65
C ILE A 269 -22.46 3.86 -4.27
N SER A 270 -21.32 3.89 -4.94
CA SER A 270 -20.38 2.82 -4.78
C SER A 270 -18.94 3.30 -4.74
N THR A 271 -18.11 2.64 -3.89
CA THR A 271 -16.67 2.86 -3.89
C THR A 271 -16.07 1.49 -3.52
N THR A 272 -14.94 1.16 -4.14
CA THR A 272 -14.31 -0.15 -3.98
C THR A 272 -12.92 0.04 -3.39
N GLY A 273 -12.51 -0.90 -2.56
CA GLY A 273 -11.22 -0.84 -1.93
C GLY A 273 -10.06 -1.24 -2.82
N ASP A 274 -8.89 -1.14 -2.17
CA ASP A 274 -7.59 -1.41 -2.81
C ASP A 274 -7.07 -2.81 -2.41
N VAL A 275 -6.13 -3.31 -3.24
CA VAL A 275 -5.39 -4.55 -2.97
C VAL A 275 -4.26 -4.27 -1.94
N PHE A 276 -4.24 -5.07 -0.87
CA PHE A 276 -3.21 -5.02 0.14
C PHE A 276 -2.47 -6.33 0.08
N THR A 277 -1.15 -6.27 0.29
CA THR A 277 -0.33 -7.49 0.19
C THR A 277 0.67 -7.54 1.36
N GLN A 278 1.53 -8.53 1.33
CA GLN A 278 2.58 -8.67 2.36
C GLN A 278 3.48 -7.45 2.43
N GLU A 279 3.62 -6.74 1.32
CA GLU A 279 4.53 -5.57 1.19
C GLU A 279 4.24 -4.50 2.24
N THR A 280 2.96 -4.28 2.56
CA THR A 280 2.64 -3.31 3.56
C THR A 280 1.99 -3.90 4.73
N ALA A 281 2.02 -5.23 4.88
CA ALA A 281 1.26 -5.83 5.96
C ALA A 281 1.71 -5.48 7.39
N ALA A 282 3.03 -5.44 7.64
CA ALA A 282 3.50 -5.07 8.96
C ALA A 282 2.99 -3.67 9.35
N ALA A 283 3.10 -2.71 8.45
CA ALA A 283 2.71 -1.34 8.67
C ALA A 283 1.18 -1.23 8.83
N GLU A 284 0.46 -1.98 8.01
CA GLU A 284 -0.99 -1.88 8.02
C GLU A 284 -1.61 -2.59 9.19
N TYR A 285 -1.07 -3.75 9.58
CA TYR A 285 -1.60 -4.50 10.73
C TYR A 285 -1.52 -3.66 11.99
N GLU A 286 -0.44 -2.88 12.09
CA GLU A 286 -0.26 -1.96 13.21
C GLU A 286 -1.47 -1.02 13.26
N LYS A 287 -1.72 -0.26 12.19
CA LYS A 287 -2.89 0.63 12.20
C LYS A 287 -4.16 -0.13 12.55
N ARG A 288 -4.39 -1.24 11.87
CA ARG A 288 -5.64 -1.98 12.02
C ARG A 288 -5.90 -2.74 13.33
N ARG A 289 -4.84 -3.12 14.05
CA ARG A 289 -4.97 -3.88 15.29
C ARG A 289 -5.74 -3.18 16.42
N GLN A 290 -6.00 -1.88 16.29
CA GLN A 290 -6.70 -1.18 17.35
C GLN A 290 -8.06 -0.72 16.90
N GLN A 291 -8.14 -0.24 15.69
CA GLN A 291 -9.43 -0.02 15.11
C GLN A 291 -10.23 -1.35 15.19
N ALA A 292 -9.50 -2.46 15.14
CA ALA A 292 -9.95 -3.81 15.52
C ALA A 292 -10.35 -3.95 16.97
N ALA A 293 -9.36 -3.86 17.88
CA ALA A 293 -9.50 -4.33 19.28
C ALA A 293 -10.46 -3.51 20.16
N ALA A 294 -10.94 -2.39 19.60
CA ALA A 294 -12.17 -1.69 20.06
C ALA A 294 -13.35 -2.66 20.22
N LEU A 295 -13.53 -3.47 19.19
CA LEU A 295 -14.65 -4.39 19.05
C LEU A 295 -14.49 -5.59 19.98
N GLU A 296 -13.26 -6.09 20.10
CA GLU A 296 -12.94 -7.17 21.03
C GLU A 296 -13.32 -6.91 22.49
N HIS A 297 -13.42 -5.65 22.88
CA HIS A 297 -13.88 -5.35 24.24
C HIS A 297 -15.39 -5.24 24.38
N HIS A 298 -16.09 -5.19 23.26
CA HIS A 298 -17.54 -5.13 23.28
C HIS A 298 -18.12 -6.26 24.14
N HIS A 299 -19.37 -6.10 24.54
CA HIS A 299 -20.10 -7.10 25.39
C HIS A 299 -21.01 -8.13 24.64
N HIS A 300 -20.94 -9.42 25.00
CA HIS A 300 -21.73 -10.54 24.42
C HIS A 300 -23.23 -10.62 24.78
N HIS A 301 -24.10 -10.75 23.77
CA HIS A 301 -25.56 -10.95 23.98
C HIS A 301 -26.13 -11.43 22.63
N HIS A 302 -27.32 -11.97 22.68
CA HIS A 302 -28.07 -12.34 21.48
C HIS A 302 -29.17 -11.30 21.32
N THR B 1 17.97 -19.05 -1.14
CA THR B 1 18.24 -17.98 -0.15
C THR B 1 16.98 -17.11 -0.03
N THR B 2 16.52 -16.94 1.19
CA THR B 2 15.41 -16.07 1.52
C THR B 2 16.03 -14.84 2.20
N VAL B 3 15.73 -13.68 1.67
CA VAL B 3 16.27 -12.41 2.24
C VAL B 3 15.08 -11.48 2.47
N GLY B 4 15.01 -10.91 3.69
CA GLY B 4 14.01 -9.94 4.03
C GLY B 4 14.58 -8.59 3.73
N PHE B 5 13.84 -7.71 3.07
CA PHE B 5 14.28 -6.31 2.82
C PHE B 5 13.30 -5.38 3.47
N SER B 6 13.76 -4.59 4.43
CA SER B 6 13.00 -3.55 5.07
C SER B 6 13.25 -2.21 4.38
N GLN B 7 12.29 -1.72 3.63
CA GLN B 7 12.39 -0.47 2.90
C GLN B 7 11.72 0.66 3.65
N VAL B 8 12.27 1.84 3.49
CA VAL B 8 11.78 3.07 4.17
C VAL B 8 10.28 3.36 3.93
N GLY B 9 9.89 3.27 2.68
CA GLY B 9 8.66 3.90 2.18
C GLY B 9 8.64 4.05 0.67
N SER B 10 7.86 5.07 0.20
CA SER B 10 7.67 5.31 -1.19
C SER B 10 7.61 6.83 -1.34
N GLU B 11 8.46 7.57 -0.60
CA GLU B 11 8.35 9.01 -0.56
C GLU B 11 8.77 9.77 -1.84
N SER B 12 9.58 9.12 -2.67
CA SER B 12 10.07 9.71 -3.92
C SER B 12 10.06 8.71 -5.01
N GLY B 13 10.09 9.18 -6.26
CA GLY B 13 10.35 8.27 -7.35
C GLY B 13 11.67 7.53 -7.31
N TRP B 14 12.70 8.15 -6.72
CA TRP B 14 13.91 7.39 -6.57
C TRP B 14 13.68 6.16 -5.68
N ARG B 15 13.04 6.39 -4.55
CA ARG B 15 12.77 5.32 -3.63
C ARG B 15 12.02 4.16 -4.24
N THR B 16 11.00 4.49 -5.01
CA THR B 16 10.26 3.39 -5.66
C THR B 16 11.07 2.69 -6.71
N SER B 17 11.95 3.41 -7.46
CA SER B 17 12.85 2.80 -8.43
C SER B 17 13.83 1.89 -7.76
N PHE B 18 14.30 2.27 -6.56
CA PHE B 18 15.17 1.44 -5.74
C PHE B 18 14.44 0.13 -5.34
N SER B 19 13.23 0.24 -4.84
CA SER B 19 12.43 -0.97 -4.51
C SER B 19 12.25 -1.86 -5.75
N GLU B 20 11.96 -1.26 -6.91
CA GLU B 20 11.84 -2.05 -8.15
C GLU B 20 13.15 -2.75 -8.52
N ALA B 21 14.24 -2.03 -8.35
CA ALA B 21 15.56 -2.57 -8.66
C ALA B 21 15.98 -3.72 -7.77
N VAL B 22 15.67 -3.63 -6.45
CA VAL B 22 15.97 -4.72 -5.53
C VAL B 22 15.19 -5.97 -5.97
N LYS B 23 13.92 -5.78 -6.30
CA LYS B 23 13.06 -6.87 -6.70
C LYS B 23 13.58 -7.48 -8.01
N ALA B 24 13.96 -6.67 -8.98
CA ALA B 24 14.58 -7.14 -10.23
C ALA B 24 15.88 -7.90 -9.99
N GLU B 25 16.75 -7.37 -9.11
CA GLU B 25 18.06 -8.03 -8.86
C GLU B 25 17.82 -9.35 -8.12
N ALA B 26 16.85 -9.40 -7.20
CA ALA B 26 16.56 -10.63 -6.50
C ALA B 26 16.03 -11.68 -7.51
N LYS B 27 15.14 -11.24 -8.40
CA LYS B 27 14.68 -12.13 -9.50
C LYS B 27 15.85 -12.64 -10.38
N GLN B 28 16.70 -11.76 -10.87
CA GLN B 28 17.84 -12.18 -11.67
C GLN B 28 18.67 -13.26 -11.00
N ARG B 29 18.79 -13.21 -9.68
CA ARG B 29 19.61 -14.18 -8.95
C ARG B 29 18.84 -15.32 -8.26
N GLY B 30 17.54 -15.43 -8.51
CA GLY B 30 16.77 -16.47 -7.91
C GLY B 30 16.52 -16.45 -6.41
N ILE B 31 16.52 -15.25 -5.82
CA ILE B 31 16.32 -15.10 -4.37
C ILE B 31 14.86 -14.94 -4.04
N ASP B 32 14.46 -15.51 -2.91
CA ASP B 32 13.13 -15.43 -2.36
C ASP B 32 13.18 -14.12 -1.53
N LEU B 33 12.64 -13.04 -2.06
CA LEU B 33 12.68 -11.71 -1.37
C LEU B 33 11.39 -11.46 -0.64
N LYS B 34 11.48 -11.19 0.66
CA LYS B 34 10.39 -10.77 1.49
C LYS B 34 10.56 -9.24 1.66
N PHE B 35 9.86 -8.50 0.85
CA PHE B 35 9.91 -7.04 0.76
C PHE B 35 8.88 -6.40 1.68
N ALA B 36 9.34 -5.49 2.55
CA ALA B 36 8.45 -4.80 3.42
C ALA B 36 8.59 -3.31 3.28
N ASP B 37 7.46 -2.61 3.16
CA ASP B 37 7.43 -1.16 3.08
C ASP B 37 7.01 -0.67 4.47
N ALA B 38 7.78 0.25 5.04
CA ALA B 38 7.49 0.75 6.37
C ALA B 38 6.62 1.99 6.42
N GLN B 39 6.27 2.53 5.28
CA GLN B 39 5.35 3.70 5.22
C GLN B 39 5.96 4.89 6.02
N GLN B 40 7.28 4.98 5.88
CA GLN B 40 8.08 6.09 6.43
C GLN B 40 8.33 6.00 7.92
N LYS B 41 7.89 4.95 8.61
CA LYS B 41 8.03 4.83 10.04
C LYS B 41 9.03 3.84 10.51
N GLN B 42 10.03 4.27 11.31
CA GLN B 42 10.98 3.36 11.81
C GLN B 42 10.39 2.17 12.58
N GLU B 43 9.35 2.40 13.41
CA GLU B 43 8.75 1.30 14.16
C GLU B 43 8.23 0.18 13.29
N ASN B 44 7.76 0.56 12.08
CA ASN B 44 7.35 -0.45 11.12
C ASN B 44 8.54 -1.25 10.59
N GLN B 45 9.69 -0.59 10.38
CA GLN B 45 10.88 -1.33 10.01
C GLN B 45 11.30 -2.29 11.03
N ILE B 46 11.30 -1.87 12.28
CA ILE B 46 11.69 -2.77 13.37
C ILE B 46 10.70 -3.97 13.42
N LYS B 47 9.42 -3.70 13.26
CA LYS B 47 8.43 -4.83 13.13
C LYS B 47 8.68 -5.79 12.01
N ALA B 48 9.00 -5.26 10.82
CA ALA B 48 9.35 -6.10 9.72
C ALA B 48 10.60 -6.97 9.98
N VAL B 49 11.65 -6.35 10.52
CA VAL B 49 12.87 -7.08 10.82
C VAL B 49 12.62 -8.22 11.87
N ARG B 50 11.79 -7.92 12.86
CA ARG B 50 11.42 -8.93 13.86
C ARG B 50 10.74 -10.10 13.15
N SER B 51 9.82 -9.79 12.24
CA SER B 51 9.11 -10.81 11.47
C SER B 51 10.04 -11.68 10.64
N PHE B 52 11.04 -11.04 10.02
CA PHE B 52 12.05 -11.72 9.21
C PHE B 52 12.84 -12.70 10.11
N ILE B 53 13.11 -12.26 11.33
CA ILE B 53 13.80 -13.12 12.32
C ILE B 53 12.87 -14.28 12.70
N ALA B 54 11.65 -13.93 13.08
CA ALA B 54 10.59 -14.95 13.36
C ALA B 54 10.41 -15.93 12.23
N GLN B 55 10.45 -15.52 10.97
CA GLN B 55 10.28 -16.41 9.85
C GLN B 55 11.54 -17.21 9.43
N GLY B 56 12.66 -16.94 10.07
CA GLY B 56 13.90 -17.62 9.78
C GLY B 56 14.50 -17.37 8.46
N VAL B 57 14.51 -16.09 8.04
CA VAL B 57 15.21 -15.77 6.84
C VAL B 57 16.68 -16.03 6.94
N ASP B 58 17.33 -16.11 5.81
CA ASP B 58 18.76 -16.41 5.74
C ASP B 58 19.60 -15.12 5.89
N ALA B 59 19.01 -13.98 5.55
CA ALA B 59 19.74 -12.67 5.64
C ALA B 59 18.69 -11.58 5.61
N ILE B 60 19.07 -10.44 6.19
CA ILE B 60 18.22 -9.22 6.22
C ILE B 60 18.94 -8.05 5.61
N ILE B 61 18.25 -7.31 4.78
CA ILE B 61 18.71 -6.01 4.29
C ILE B 61 17.77 -4.90 4.89
N ILE B 62 18.38 -3.82 5.35
CA ILE B 62 17.65 -2.67 5.89
C ILE B 62 18.12 -1.44 5.22
N ALA B 63 17.18 -0.67 4.66
CA ALA B 63 17.41 0.71 4.31
C ALA B 63 16.89 1.63 5.41
N PRO B 64 17.76 2.07 6.33
CA PRO B 64 17.21 2.66 7.56
C PRO B 64 16.65 4.09 7.36
N VAL B 65 15.46 4.33 7.87
CA VAL B 65 14.85 5.62 7.61
C VAL B 65 15.61 6.76 8.40
N VAL B 66 15.99 6.44 9.62
CA VAL B 66 16.87 7.33 10.37
C VAL B 66 18.02 6.54 10.97
N GLU B 67 18.95 7.23 11.60
CA GLU B 67 20.16 6.59 12.08
C GLU B 67 20.17 5.96 13.47
N THR B 68 19.28 6.38 14.34
CA THR B 68 19.25 6.04 15.75
C THR B 68 18.27 4.88 15.96
N GLY B 69 18.40 4.17 17.04
CA GLY B 69 17.36 3.27 17.50
C GLY B 69 17.44 1.83 17.02
N TRP B 70 18.53 1.45 16.36
CA TRP B 70 18.57 0.12 15.73
C TRP B 70 19.23 -0.94 16.58
N LYS B 71 19.93 -0.53 17.63
CA LYS B 71 20.71 -1.52 18.32
C LYS B 71 19.94 -2.73 18.87
N PRO B 72 18.80 -2.50 19.49
CA PRO B 72 18.12 -3.71 20.00
C PRO B 72 17.74 -4.76 18.95
N VAL B 73 17.13 -4.32 17.84
CA VAL B 73 16.82 -5.29 16.82
C VAL B 73 18.02 -5.93 16.14
N LEU B 74 19.12 -5.18 15.99
CA LEU B 74 20.34 -5.74 15.49
C LEU B 74 20.95 -6.79 16.38
N LYS B 75 20.82 -6.60 17.67
CA LYS B 75 21.28 -7.64 18.60
C LYS B 75 20.46 -8.89 18.50
N GLU B 76 19.17 -8.69 18.29
CA GLU B 76 18.28 -9.87 18.03
C GLU B 76 18.67 -10.63 16.80
N ALA B 77 18.99 -9.90 15.71
CA ALA B 77 19.44 -10.57 14.50
C ALA B 77 20.75 -11.31 14.67
N LYS B 78 21.65 -10.71 15.40
CA LYS B 78 22.96 -11.31 15.66
C LYS B 78 22.83 -12.60 16.52
N ARG B 79 21.97 -12.55 17.54
CA ARG B 79 21.67 -13.73 18.42
C ARG B 79 21.06 -14.85 17.62
N ALA B 80 20.21 -14.54 16.62
CA ALA B 80 19.66 -15.51 15.66
C ALA B 80 20.58 -15.94 14.55
N LYS B 81 21.75 -15.30 14.45
CA LYS B 81 22.75 -15.63 13.49
C LYS B 81 22.29 -15.34 12.07
N ILE B 82 21.60 -14.22 11.87
CA ILE B 82 21.15 -13.86 10.55
C ILE B 82 21.96 -12.57 10.19
N PRO B 83 22.72 -12.61 9.12
CA PRO B 83 23.55 -11.49 8.67
C PRO B 83 22.66 -10.34 8.20
N VAL B 84 23.07 -9.10 8.49
CA VAL B 84 22.33 -7.92 8.19
C VAL B 84 23.20 -7.01 7.34
N VAL B 85 22.68 -6.56 6.18
CA VAL B 85 23.34 -5.64 5.30
C VAL B 85 22.55 -4.34 5.36
N ILE B 86 23.24 -3.24 5.59
CA ILE B 86 22.66 -1.89 5.54
C ILE B 86 22.80 -1.37 4.13
N VAL B 87 21.75 -0.76 3.58
CA VAL B 87 21.82 -0.11 2.31
C VAL B 87 21.29 1.32 2.36
N ASP B 88 21.82 2.16 1.48
CA ASP B 88 21.25 3.50 1.17
C ASP B 88 21.66 4.40 2.35
N ARG B 89 20.87 4.53 3.38
CA ARG B 89 21.24 5.39 4.51
C ARG B 89 22.13 4.62 5.51
N ASN B 90 22.42 5.30 6.63
CA ASN B 90 23.27 4.74 7.66
C ASN B 90 22.59 4.53 8.97
N ILE B 91 23.25 3.71 9.80
CA ILE B 91 22.84 3.52 11.22
C ILE B 91 24.00 4.00 12.06
N LYS B 92 23.70 4.55 13.21
CA LYS B 92 24.77 4.85 14.15
C LYS B 92 24.68 3.81 15.25
N VAL B 93 25.64 2.88 15.22
CA VAL B 93 25.72 1.90 16.30
C VAL B 93 27.14 1.90 16.87
N ASP B 94 27.28 1.30 18.03
CA ASP B 94 28.52 1.26 18.73
C ASP B 94 29.51 0.16 18.39
N ASP B 95 29.00 -0.87 17.75
CA ASP B 95 29.73 -2.09 17.50
C ASP B 95 29.44 -2.54 16.07
N ASP B 96 30.42 -2.40 15.22
CA ASP B 96 30.22 -2.75 13.80
C ASP B 96 30.12 -4.24 13.50
N SER B 97 30.23 -5.11 14.52
CA SER B 97 29.92 -6.53 14.40
C SER B 97 28.40 -6.75 14.33
N LEU B 98 27.58 -5.72 14.54
CA LEU B 98 26.10 -5.82 14.44
C LEU B 98 25.57 -5.85 13.00
N PHE B 99 26.46 -5.69 12.03
CA PHE B 99 26.06 -5.75 10.61
C PHE B 99 27.24 -6.34 9.80
N LEU B 100 26.89 -6.93 8.66
CA LEU B 100 27.87 -7.53 7.76
C LEU B 100 28.61 -6.48 6.94
N THR B 101 27.87 -5.59 6.28
CA THR B 101 28.42 -4.55 5.50
C THR B 101 27.33 -3.56 5.20
N ARG B 102 27.76 -2.39 4.71
CA ARG B 102 26.88 -1.36 4.23
C ARG B 102 27.24 -1.05 2.77
N ILE B 103 26.22 -0.94 1.89
CA ILE B 103 26.31 -0.59 0.49
C ILE B 103 25.66 0.78 0.32
N ALA B 104 26.44 1.74 -0.12
CA ALA B 104 25.95 3.11 -0.10
C ALA B 104 26.75 4.02 -1.04
N SER B 105 26.12 5.09 -1.52
CA SER B 105 26.90 6.20 -2.13
C SER B 105 27.45 7.07 -0.97
N ASP B 106 28.35 7.98 -1.30
CA ASP B 106 28.90 8.94 -0.36
C ASP B 106 28.06 10.19 -0.53
N PHE B 107 27.12 10.36 0.39
CA PHE B 107 26.21 11.47 0.29
C PHE B 107 26.94 12.84 0.45
N SER B 108 28.02 12.86 1.24
CA SER B 108 28.79 14.13 1.37
C SER B 108 29.50 14.51 0.06
N GLU B 109 29.96 13.51 -0.65
CA GLU B 109 30.55 13.73 -1.98
C GLU B 109 29.51 14.21 -2.95
N GLU B 110 28.29 13.64 -2.88
CA GLU B 110 27.17 14.21 -3.67
C GLU B 110 26.97 15.71 -3.45
N GLY B 111 26.91 16.08 -2.18
CA GLY B 111 26.74 17.48 -1.82
C GLY B 111 27.93 18.32 -2.30
N ARG B 112 29.16 17.79 -2.16
CA ARG B 112 30.36 18.50 -2.64
C ARG B 112 30.36 18.71 -4.13
N LYS B 113 30.02 17.66 -4.91
CA LYS B 113 30.07 17.71 -6.34
C LYS B 113 29.04 18.70 -6.86
N ILE B 114 27.82 18.72 -6.29
CA ILE B 114 26.78 19.55 -6.82
C ILE B 114 27.08 21.01 -6.36
N GLY B 115 27.62 21.11 -5.18
CA GLY B 115 28.05 22.41 -4.67
C GLY B 115 29.15 23.00 -5.59
N GLN B 116 30.16 22.21 -5.89
CA GLN B 116 31.24 22.72 -6.75
C GLN B 116 30.71 23.10 -8.10
N TRP B 117 29.80 22.28 -8.68
CA TRP B 117 29.16 22.60 -9.96
C TRP B 117 28.50 23.96 -9.91
N LEU B 118 27.76 24.20 -8.82
CA LEU B 118 27.00 25.43 -8.73
C LEU B 118 28.00 26.63 -8.52
N MET B 119 29.11 26.38 -7.80
CA MET B 119 30.15 27.48 -7.67
C MET B 119 30.79 27.77 -9.00
N ASP B 120 31.18 26.74 -9.76
CA ASP B 120 31.74 27.00 -11.08
C ASP B 120 30.77 27.77 -11.98
N LYS B 121 29.49 27.41 -11.93
CA LYS B 121 28.48 28.02 -12.75
C LYS B 121 28.29 29.49 -12.48
N THR B 122 28.33 29.82 -11.20
CA THR B 122 27.98 31.17 -10.76
C THR B 122 29.23 31.97 -10.45
N GLN B 123 30.43 31.46 -10.80
CA GLN B 123 31.67 32.07 -10.40
C GLN B 123 31.71 32.45 -8.91
N GLY B 124 31.08 31.62 -8.09
CA GLY B 124 31.14 31.78 -6.65
C GLY B 124 30.29 32.90 -6.08
N ASN B 125 29.34 33.38 -6.85
CA ASN B 125 28.52 34.52 -6.43
C ASN B 125 27.09 34.12 -6.51
N CYS B 126 26.50 33.77 -5.36
CA CYS B 126 25.22 33.06 -5.36
C CYS B 126 24.51 33.05 -4.02
N ASP B 127 23.32 33.63 -3.95
CA ASP B 127 22.43 33.47 -2.81
C ASP B 127 21.54 32.25 -3.01
N ILE B 128 21.53 31.34 -2.06
CA ILE B 128 20.99 29.99 -2.29
C ILE B 128 19.87 29.72 -1.31
N ALA B 129 18.79 29.13 -1.81
CA ALA B 129 17.72 28.61 -0.93
C ALA B 129 17.84 27.08 -0.88
N GLU B 130 17.86 26.55 0.35
CA GLU B 130 18.04 25.10 0.59
C GLU B 130 16.74 24.41 0.95
N LEU B 131 16.33 23.43 0.14
CA LEU B 131 15.27 22.52 0.54
C LEU B 131 15.87 21.21 1.07
N GLN B 132 15.73 20.99 2.37
CA GLN B 132 16.36 19.87 3.04
C GLN B 132 15.48 18.64 2.98
N GLY B 133 16.10 17.45 3.08
CA GLY B 133 15.40 16.20 3.18
C GLY B 133 14.90 16.00 4.60
N THR B 134 14.45 14.78 4.85
CA THR B 134 13.88 14.48 6.19
C THR B 134 14.88 14.55 7.31
N VAL B 135 14.40 14.99 8.47
CA VAL B 135 15.21 15.01 9.68
C VAL B 135 15.72 13.64 10.13
N GLY B 136 17.01 13.58 10.35
CA GLY B 136 17.62 12.35 10.76
C GLY B 136 18.04 11.41 9.65
N ALA B 137 17.75 11.77 8.40
CA ALA B 137 18.13 10.95 7.27
C ALA B 137 19.58 11.24 6.96
N THR B 138 20.36 10.18 6.88
CA THR B 138 21.79 10.30 6.52
C THR B 138 21.96 11.13 5.24
N ALA B 139 21.09 10.88 4.28
CA ALA B 139 21.15 11.56 3.00
C ALA B 139 21.06 13.08 3.16
N ALA B 140 20.13 13.58 4.00
CA ALA B 140 19.98 15.03 4.20
C ALA B 140 21.17 15.60 4.97
N ILE B 141 21.54 14.93 6.05
CA ILE B 141 22.59 15.46 6.94
C ILE B 141 23.92 15.60 6.17
N ASP B 142 24.27 14.53 5.45
CA ASP B 142 25.59 14.40 4.82
C ASP B 142 25.62 15.23 3.52
N ARG B 143 24.51 15.32 2.78
CA ARG B 143 24.54 16.19 1.61
C ARG B 143 24.77 17.62 2.02
N ALA B 144 24.10 18.02 3.13
CA ALA B 144 24.26 19.37 3.64
C ALA B 144 25.70 19.60 4.08
N ALA B 145 26.29 18.67 4.78
CA ALA B 145 27.70 18.80 5.21
C ALA B 145 28.64 19.00 4.03
N GLY B 146 28.46 18.19 2.99
CA GLY B 146 29.33 18.29 1.84
C GLY B 146 29.17 19.59 1.05
N PHE B 147 27.93 19.99 0.81
CA PHE B 147 27.63 21.23 0.07
C PHE B 147 28.21 22.43 0.83
N ASN B 148 27.97 22.42 2.13
CA ASN B 148 28.42 23.53 2.99
C ASN B 148 29.93 23.60 3.04
N GLN B 149 30.61 22.48 3.02
CA GLN B 149 32.05 22.46 2.96
C GLN B 149 32.59 23.16 1.71
N VAL B 150 31.92 23.03 0.54
CA VAL B 150 32.42 23.64 -0.67
C VAL B 150 32.10 25.09 -0.64
N ILE B 151 30.84 25.35 -0.12
CA ILE B 151 30.52 26.75 -0.32
C ILE B 151 31.23 27.71 0.71
N ALA B 152 31.71 27.11 1.76
CA ALA B 152 32.53 27.83 2.78
C ALA B 152 33.81 28.50 2.23
N ASN B 153 34.34 27.98 1.13
CA ASN B 153 35.49 28.52 0.45
C ASN B 153 35.19 29.71 -0.48
N TYR B 154 33.91 30.11 -0.58
CA TYR B 154 33.46 31.13 -1.54
C TYR B 154 32.71 32.23 -0.76
N PRO B 155 33.41 33.36 -0.45
CA PRO B 155 32.79 34.39 0.40
C PRO B 155 31.51 34.99 -0.16
N ASN B 156 31.33 35.05 -1.46
CA ASN B 156 30.10 35.59 -2.04
C ASN B 156 28.97 34.52 -2.30
N ALA B 157 29.09 33.34 -1.69
CA ALA B 157 28.04 32.32 -1.79
C ALA B 157 27.49 32.18 -0.38
N LYS B 158 26.18 32.17 -0.28
CA LYS B 158 25.54 32.01 1.00
C LYS B 158 24.25 31.29 0.87
N ILE B 159 23.91 30.48 1.86
CA ILE B 159 22.58 29.90 1.94
C ILE B 159 21.77 30.90 2.79
N VAL B 160 20.83 31.54 2.16
CA VAL B 160 20.00 32.53 2.82
C VAL B 160 18.76 31.98 3.46
N ARG B 161 18.23 30.88 2.94
CA ARG B 161 17.02 30.22 3.48
C ARG B 161 17.25 28.71 3.45
N SER B 162 16.74 28.01 4.47
CA SER B 162 16.86 26.56 4.57
C SER B 162 15.75 25.98 5.42
N GLN B 163 15.03 25.00 4.88
CA GLN B 163 13.92 24.35 5.59
C GLN B 163 13.69 22.98 4.98
N THR B 164 13.20 22.03 5.79
CA THR B 164 12.89 20.74 5.23
C THR B 164 11.66 20.78 4.31
N GLY B 165 11.77 20.09 3.17
CA GLY B 165 10.64 19.70 2.31
C GLY B 165 10.30 18.23 2.33
N GLU B 166 10.84 17.49 3.31
CA GLU B 166 10.51 16.10 3.57
C GLU B 166 10.76 15.08 2.43
N PHE B 167 11.65 15.44 1.50
CA PHE B 167 11.91 14.61 0.34
C PHE B 167 10.71 14.42 -0.62
N THR B 168 9.64 15.19 -0.42
CA THR B 168 8.44 15.07 -1.25
C THR B 168 8.18 16.30 -2.13
N ARG B 169 7.50 16.02 -3.23
CA ARG B 169 7.19 17.05 -4.23
C ARG B 169 6.25 18.14 -3.67
N ALA B 170 5.14 17.72 -3.07
CA ALA B 170 4.15 18.68 -2.50
C ALA B 170 4.70 19.56 -1.41
N LYS B 171 5.50 19.00 -0.51
CA LYS B 171 6.09 19.79 0.53
C LYS B 171 7.22 20.70 0.05
N GLY B 172 8.03 20.17 -0.88
CA GLY B 172 9.01 20.98 -1.57
C GLY B 172 8.39 22.25 -2.16
N LYS B 173 7.29 22.05 -2.90
CA LYS B 173 6.56 23.15 -3.47
C LYS B 173 6.10 24.15 -2.42
N GLU B 174 5.44 23.66 -1.37
CA GLU B 174 4.93 24.53 -0.36
C GLU B 174 6.08 25.29 0.31
N VAL B 175 7.19 24.65 0.58
CA VAL B 175 8.29 25.36 1.21
C VAL B 175 8.90 26.44 0.25
N MET B 176 8.99 26.11 -1.04
CA MET B 176 9.52 27.05 -2.08
C MET B 176 8.60 28.28 -2.17
N GLU B 177 7.28 28.04 -2.19
CA GLU B 177 6.33 29.16 -2.10
C GLU B 177 6.62 30.11 -0.98
N GLY B 178 6.83 29.56 0.19
CA GLY B 178 7.41 30.30 1.28
C GLY B 178 8.78 30.95 1.04
N PHE B 179 9.72 30.29 0.52
CA PHE B 179 10.93 30.98 0.36
C PHE B 179 10.71 32.26 -0.46
N LEU B 180 9.87 32.17 -1.48
CA LEU B 180 9.64 33.26 -2.42
C LEU B 180 9.03 34.46 -1.77
N LYS B 181 8.00 34.24 -0.98
CA LYS B 181 7.46 35.34 -0.18
C LYS B 181 8.46 35.91 0.80
N ALA B 182 9.19 35.08 1.52
CA ALA B 182 10.12 35.62 2.52
C ALA B 182 11.22 36.46 1.90
N GLN B 183 11.61 36.11 0.67
CA GLN B 183 12.64 36.90 -0.11
C GLN B 183 12.30 38.40 -0.27
N ASN B 184 11.01 38.71 -0.28
CA ASN B 184 10.57 40.10 -0.24
C ASN B 184 11.01 40.85 -1.53
N GLY B 185 11.02 40.14 -2.66
CA GLY B 185 11.47 40.65 -3.97
C GLY B 185 12.97 40.58 -4.25
N GLN B 186 13.79 40.32 -3.25
CA GLN B 186 15.20 40.14 -3.43
C GLN B 186 15.48 38.89 -4.32
N PRO B 187 16.27 39.08 -5.41
CA PRO B 187 16.56 37.92 -6.28
C PRO B 187 17.25 36.76 -5.54
N LEU B 188 16.87 35.53 -5.88
CA LEU B 188 17.60 34.34 -5.47
C LEU B 188 18.39 33.82 -6.68
N CYS B 189 19.61 33.32 -6.45
CA CYS B 189 20.44 32.80 -7.48
C CYS B 189 20.10 31.36 -7.75
N ALA B 190 19.87 30.56 -6.69
CA ALA B 190 19.66 29.15 -6.89
C ALA B 190 18.91 28.48 -5.72
N VAL B 191 18.27 27.36 -6.04
CA VAL B 191 17.72 26.40 -5.09
C VAL B 191 18.60 25.17 -5.07
N TRP B 192 19.07 24.76 -3.89
CA TRP B 192 19.78 23.55 -3.65
C TRP B 192 18.80 22.61 -3.00
N SER B 193 18.39 21.54 -3.68
CA SER B 193 17.36 20.64 -3.12
C SER B 193 17.99 19.30 -2.86
N HIS B 194 17.80 18.74 -1.67
CA HIS B 194 18.42 17.48 -1.39
C HIS B 194 17.88 16.31 -2.18
N ASN B 195 16.73 16.44 -2.85
CA ASN B 195 16.39 15.45 -3.82
C ASN B 195 15.58 16.02 -4.97
N ASP B 196 15.57 15.23 -6.05
CA ASP B 196 14.94 15.65 -7.28
C ASP B 196 13.43 15.83 -7.05
N GLU B 197 12.77 14.95 -6.27
CA GLU B 197 11.32 15.10 -5.99
C GLU B 197 10.98 16.53 -5.47
N MET B 198 11.70 17.03 -4.44
CA MET B 198 11.42 18.35 -3.97
C MET B 198 11.70 19.42 -5.01
N ALA B 199 12.77 19.20 -5.79
CA ALA B 199 13.22 20.19 -6.77
C ALA B 199 12.09 20.42 -7.79
N LEU B 200 11.43 19.33 -8.18
CA LEU B 200 10.38 19.40 -9.15
C LEU B 200 9.17 20.13 -8.65
N GLY B 201 8.90 20.06 -7.35
CA GLY B 201 7.94 20.91 -6.73
C GLY B 201 8.30 22.36 -6.68
N ALA B 202 9.58 22.66 -6.39
CA ALA B 202 10.08 24.00 -6.34
C ALA B 202 9.91 24.64 -7.75
N VAL B 203 10.12 23.86 -8.82
CA VAL B 203 9.87 24.28 -10.26
C VAL B 203 8.47 24.89 -10.40
N GLN B 204 7.45 24.22 -9.88
CA GLN B 204 6.08 24.79 -9.96
C GLN B 204 5.85 26.06 -9.17
N ALA B 205 6.39 26.09 -7.95
CA ALA B 205 6.30 27.27 -7.13
C ALA B 205 6.94 28.44 -7.83
N ILE B 206 8.08 28.20 -8.49
CA ILE B 206 8.72 29.28 -9.20
C ILE B 206 7.87 29.74 -10.38
N LYS B 207 7.33 28.81 -11.14
CA LYS B 207 6.43 29.20 -12.26
C LYS B 207 5.28 30.08 -11.81
N GLU B 208 4.58 29.62 -10.77
CA GLU B 208 3.39 30.28 -10.28
C GLU B 208 3.71 31.63 -9.76
N ALA B 209 4.97 31.87 -9.40
CA ALA B 209 5.39 33.18 -9.02
C ALA B 209 5.80 34.12 -10.18
N GLY B 210 5.63 33.70 -11.43
CA GLY B 210 6.00 34.50 -12.58
C GLY B 210 7.49 34.56 -12.91
N LEU B 211 8.22 33.49 -12.56
CA LEU B 211 9.66 33.42 -12.80
C LEU B 211 10.03 32.16 -13.57
N LYS B 212 11.20 32.16 -14.18
CA LYS B 212 11.60 31.06 -15.01
C LYS B 212 12.55 30.15 -14.25
N PRO B 213 12.05 28.97 -13.89
CA PRO B 213 12.98 28.08 -13.28
C PRO B 213 14.08 27.59 -14.21
N GLY B 214 15.28 27.41 -13.68
CA GLY B 214 16.39 26.95 -14.47
C GLY B 214 17.08 28.09 -15.28
N LYS B 215 16.56 29.31 -15.16
CA LYS B 215 17.03 30.45 -15.94
C LYS B 215 17.15 31.58 -14.96
N ASP B 216 16.04 32.09 -14.44
CA ASP B 216 16.07 33.14 -13.39
C ASP B 216 16.68 32.68 -12.04
N ILE B 217 16.31 31.45 -11.68
CA ILE B 217 16.72 30.81 -10.45
C ILE B 217 17.23 29.42 -10.87
N LEU B 218 18.50 29.12 -10.61
CA LEU B 218 19.07 27.86 -10.99
C LEU B 218 18.55 26.80 -9.98
N ILE B 219 18.47 25.56 -10.44
CA ILE B 219 17.97 24.43 -9.60
C ILE B 219 18.94 23.27 -9.68
N VAL B 220 19.55 22.89 -8.53
CA VAL B 220 20.52 21.81 -8.46
C VAL B 220 20.04 20.84 -7.35
N SER B 221 20.28 19.59 -7.60
CA SER B 221 19.58 18.52 -6.84
C SER B 221 20.41 17.21 -6.86
N VAL B 222 19.88 16.15 -6.22
CA VAL B 222 20.39 14.83 -6.27
C VAL B 222 19.29 13.82 -6.57
N ASP B 223 19.61 12.88 -7.44
CA ASP B 223 18.93 11.58 -7.58
C ASP B 223 19.08 11.07 -9.04
N GLY B 224 18.88 11.98 -9.97
CA GLY B 224 18.98 11.61 -11.38
C GLY B 224 17.82 10.70 -11.85
N VAL B 225 16.62 11.04 -11.43
CA VAL B 225 15.40 10.27 -11.81
C VAL B 225 15.00 10.73 -13.24
N PRO B 226 14.43 9.79 -14.01
CA PRO B 226 14.02 10.16 -15.39
C PRO B 226 13.23 11.48 -15.51
N ASP B 227 12.28 11.79 -14.62
CA ASP B 227 11.50 12.99 -14.72
C ASP B 227 12.37 14.27 -14.55
N TYR B 228 13.44 14.16 -13.77
CA TYR B 228 14.32 15.33 -13.62
C TYR B 228 15.18 15.49 -14.92
N PHE B 229 15.62 14.38 -15.53
CA PHE B 229 16.28 14.42 -16.84
C PHE B 229 15.38 15.08 -17.90
N LYS B 230 14.09 14.75 -17.87
CA LYS B 230 13.11 15.45 -18.71
C LYS B 230 13.03 16.98 -18.44
N ALA B 231 12.95 17.36 -17.17
CA ALA B 231 12.93 18.77 -16.83
C ALA B 231 14.22 19.43 -17.31
N MET B 232 15.38 18.75 -17.21
CA MET B 232 16.65 19.36 -17.66
C MET B 232 16.57 19.52 -19.18
N ALA B 233 16.06 18.50 -19.87
CA ALA B 233 16.01 18.52 -21.34
C ALA B 233 15.04 19.63 -21.79
N ASP B 234 14.06 19.98 -20.96
CA ASP B 234 13.17 21.06 -21.24
C ASP B 234 13.61 22.39 -20.75
N GLY B 235 14.69 22.47 -19.95
CA GLY B 235 15.23 23.73 -19.46
C GLY B 235 14.78 24.25 -18.11
N ASP B 236 13.94 23.50 -17.40
CA ASP B 236 13.38 23.95 -16.12
C ASP B 236 14.25 23.78 -14.86
N VAL B 237 15.17 22.87 -14.91
CA VAL B 237 16.17 22.66 -13.89
C VAL B 237 17.52 22.51 -14.52
N ASN B 238 18.55 22.54 -13.70
CA ASN B 238 19.91 22.63 -14.23
C ASN B 238 20.83 21.45 -14.08
N ALA B 239 20.90 20.85 -12.91
CA ALA B 239 21.90 19.84 -12.63
C ALA B 239 21.43 18.91 -11.48
N THR B 240 21.90 17.69 -11.51
CA THR B 240 21.63 16.69 -10.49
C THR B 240 22.74 15.66 -10.43
N VAL B 241 22.96 15.03 -9.28
CA VAL B 241 23.89 13.94 -9.15
C VAL B 241 23.11 12.66 -9.22
N GLU B 242 23.54 11.79 -10.09
CA GLU B 242 22.90 10.47 -10.22
C GLU B 242 23.08 9.62 -8.99
N LEU B 243 21.97 9.07 -8.51
CA LEU B 243 22.02 8.12 -7.37
C LEU B 243 21.64 6.74 -7.92
N SER B 244 22.57 5.78 -7.94
CA SER B 244 22.25 4.42 -8.44
C SER B 244 21.16 3.74 -7.56
N PRO B 245 20.14 3.16 -8.19
CA PRO B 245 19.21 2.31 -7.42
C PRO B 245 19.65 0.86 -7.29
N TYR B 246 20.83 0.49 -7.80
CA TYR B 246 21.23 -0.89 -7.88
C TYR B 246 22.11 -1.27 -6.74
N LEU B 247 21.71 -0.88 -5.52
CA LEU B 247 22.47 -1.22 -4.29
C LEU B 247 22.25 -2.60 -3.86
N GLY B 248 21.13 -3.14 -4.24
CA GLY B 248 20.74 -4.54 -4.03
C GLY B 248 21.75 -5.57 -4.51
N GLY B 249 22.36 -5.36 -5.66
CA GLY B 249 23.27 -6.36 -6.17
C GLY B 249 24.46 -6.60 -5.24
N PRO B 250 25.15 -5.52 -4.88
CA PRO B 250 26.28 -5.73 -3.98
C PRO B 250 25.89 -6.25 -2.65
N ALA B 251 24.69 -5.91 -2.18
CA ALA B 251 24.26 -6.46 -0.93
C ALA B 251 24.11 -7.99 -1.01
N PHE B 252 23.50 -8.43 -2.09
CA PHE B 252 23.27 -9.88 -2.29
C PHE B 252 24.60 -10.63 -2.52
N ASP B 253 25.56 -9.99 -3.17
CA ASP B 253 26.92 -10.51 -3.43
C ASP B 253 27.62 -10.77 -2.05
N ALA B 254 27.51 -9.79 -1.15
CA ALA B 254 28.09 -9.94 0.20
C ALA B 254 27.39 -11.04 0.96
N ILE B 255 26.09 -11.15 0.87
CA ILE B 255 25.32 -12.15 1.62
C ILE B 255 25.69 -13.59 1.10
N ASP B 256 25.69 -13.72 -0.20
CA ASP B 256 26.10 -14.99 -0.86
C ASP B 256 27.47 -15.44 -0.40
N ALA B 257 28.43 -14.53 -0.44
CA ALA B 257 29.80 -14.87 -0.02
C ALA B 257 29.83 -15.27 1.45
N TYR B 258 29.17 -14.50 2.33
CA TYR B 258 29.09 -14.87 3.72
C TYR B 258 28.50 -16.27 3.93
N LEU B 259 27.42 -16.57 3.21
CA LEU B 259 26.76 -17.88 3.41
C LEU B 259 27.60 -19.03 2.90
N LYS B 260 28.48 -18.74 1.97
CA LYS B 260 29.50 -19.73 1.52
C LYS B 260 30.74 -19.83 2.41
N GLY B 261 30.81 -19.07 3.48
CA GLY B 261 31.99 -19.12 4.35
C GLY B 261 32.97 -17.96 4.27
N ASN B 262 32.76 -16.95 3.41
CA ASN B 262 33.69 -15.82 3.28
C ASN B 262 33.82 -15.08 4.58
N LYS B 263 35.06 -14.77 4.98
CA LYS B 263 35.34 -13.99 6.20
C LYS B 263 35.99 -12.63 5.90
N ASP B 264 36.19 -12.29 4.63
CA ASP B 264 36.87 -11.07 4.16
C ASP B 264 35.86 -10.11 3.62
N GLN B 265 35.37 -9.22 4.49
CA GLN B 265 34.24 -8.37 4.08
C GLN B 265 34.48 -6.98 4.69
N ALA B 266 34.69 -6.02 3.81
CA ALA B 266 34.76 -4.60 4.19
C ALA B 266 33.42 -4.18 4.79
N LYS B 267 33.44 -3.28 5.74
CA LYS B 267 32.19 -2.77 6.36
C LYS B 267 31.42 -1.71 5.58
N LEU B 268 32.03 -1.10 4.59
CA LEU B 268 31.42 -0.12 3.68
C LEU B 268 32.00 -0.27 2.29
N ILE B 269 31.07 -0.39 1.32
CA ILE B 269 31.38 -0.60 -0.12
C ILE B 269 30.58 0.55 -0.77
N SER B 270 31.26 1.49 -1.36
CA SER B 270 30.66 2.72 -1.79
C SER B 270 31.18 3.20 -3.18
N THR B 271 30.24 3.71 -3.95
CA THR B 271 30.46 4.36 -5.21
C THR B 271 29.44 5.43 -5.34
N THR B 272 29.85 6.58 -5.89
CA THR B 272 29.00 7.75 -5.98
C THR B 272 28.85 8.13 -7.45
N GLY B 273 27.73 8.71 -7.78
CA GLY B 273 27.38 9.13 -9.15
C GLY B 273 28.00 10.44 -9.59
N ASP B 274 27.84 10.70 -10.88
CA ASP B 274 28.34 11.91 -11.52
C ASP B 274 27.25 13.00 -11.58
N VAL B 275 27.69 14.23 -11.84
CA VAL B 275 26.84 15.34 -12.09
C VAL B 275 26.36 15.33 -13.59
N PHE B 276 25.05 15.48 -13.75
CA PHE B 276 24.40 15.58 -15.05
C PHE B 276 23.69 16.88 -15.16
N THR B 277 23.71 17.48 -16.35
CA THR B 277 23.23 18.79 -16.55
C THR B 277 22.46 18.89 -17.84
N GLN B 278 21.98 20.12 -18.14
CA GLN B 278 21.29 20.39 -19.39
C GLN B 278 22.13 20.02 -20.61
N GLU B 279 23.44 19.99 -20.46
CA GLU B 279 24.37 19.77 -21.59
C GLU B 279 24.19 18.40 -22.21
N THR B 280 23.83 17.35 -21.41
CA THR B 280 23.67 16.01 -21.96
C THR B 280 22.21 15.51 -21.79
N ALA B 281 21.33 16.41 -21.39
CA ALA B 281 19.96 15.96 -20.97
C ALA B 281 19.16 15.39 -22.10
N ALA B 282 19.21 16.01 -23.26
CA ALA B 282 18.48 15.37 -24.42
C ALA B 282 18.95 13.95 -24.71
N ALA B 283 20.26 13.74 -24.85
CA ALA B 283 20.83 12.45 -25.09
C ALA B 283 20.54 11.47 -23.95
N GLU B 284 20.61 11.96 -22.70
CA GLU B 284 20.44 11.05 -21.52
C GLU B 284 19.03 10.65 -21.27
N TYR B 285 18.08 11.53 -21.57
CA TYR B 285 16.70 11.25 -21.32
C TYR B 285 16.25 10.19 -22.31
N GLU B 286 16.74 10.30 -23.54
CA GLU B 286 16.55 9.27 -24.56
C GLU B 286 16.97 7.88 -24.13
N LYS B 287 18.14 7.75 -23.51
CA LYS B 287 18.62 6.45 -22.99
C LYS B 287 17.85 6.00 -21.72
N ARG B 288 17.26 6.92 -20.95
CA ARG B 288 16.62 6.58 -19.66
C ARG B 288 15.10 6.41 -19.75
N ARG B 289 14.50 6.94 -20.81
CA ARG B 289 13.04 6.91 -20.98
C ARG B 289 12.31 5.55 -21.12
N GLN B 290 12.95 4.55 -21.71
CA GLN B 290 12.31 3.25 -21.93
C GLN B 290 12.17 2.53 -20.61
N GLN B 291 13.29 2.37 -19.88
CA GLN B 291 13.22 1.80 -18.53
C GLN B 291 12.15 2.58 -17.66
N ALA B 292 12.18 3.91 -17.75
CA ALA B 292 11.19 4.78 -17.06
C ALA B 292 9.72 4.36 -17.29
N ALA B 293 9.35 4.22 -18.58
CA ALA B 293 8.00 3.77 -19.01
C ALA B 293 7.71 2.31 -18.59
N ALA B 294 8.76 1.46 -18.66
CA ALA B 294 8.64 0.03 -18.21
C ALA B 294 8.13 -0.05 -16.77
N LEU B 295 8.84 0.67 -15.88
CA LEU B 295 8.50 0.81 -14.44
C LEU B 295 7.12 1.46 -14.21
N GLU B 296 6.82 2.52 -14.97
CA GLU B 296 5.48 3.16 -14.94
C GLU B 296 4.31 2.21 -15.30
N HIS B 297 4.57 1.15 -16.06
CA HIS B 297 3.52 0.15 -16.38
C HIS B 297 3.24 -1.00 -15.36
N HIS B 298 3.96 -1.09 -14.23
CA HIS B 298 3.63 -2.08 -13.16
C HIS B 298 2.31 -1.69 -12.49
N HIS B 299 1.47 -2.66 -12.16
CA HIS B 299 0.12 -2.37 -11.56
C HIS B 299 0.16 -2.01 -10.07
N HIS B 300 -0.62 -0.97 -9.71
CA HIS B 300 -0.74 -0.46 -8.36
C HIS B 300 -1.27 -1.44 -7.34
N HIS B 301 -0.63 -1.49 -6.14
CA HIS B 301 -1.14 -2.26 -4.97
C HIS B 301 -0.39 -1.82 -3.76
N HIS B 302 -0.90 -2.18 -2.58
CA HIS B 302 -0.19 -2.04 -1.32
C HIS B 302 0.35 -3.35 -0.84
#